data_6SEJ
#
_entry.id   6SEJ
#
_cell.length_a   222.400
_cell.length_b   222.400
_cell.length_c   47.300
_cell.angle_alpha   90.00
_cell.angle_beta   90.00
_cell.angle_gamma   90.00
#
_symmetry.space_group_name_H-M   'I 41'
#
loop_
_entity.id
_entity.type
_entity.pdbx_description
1 polymer Properdin
2 polymer Properdin
3 branched beta-D-glucopyranose-(1-3)-alpha-L-fucopyranose
4 branched 2-acetamido-2-deoxy-beta-D-glucopyranose-(1-4)-[alpha-L-fucopyranose-(1-6)]2-acetamido-2-deoxy-beta-D-glucopyranose
5 non-polymer alpha-D-mannopyranose
#
loop_
_entity_poly.entity_id
_entity_poly.type
_entity_poly.pdbx_seq_one_letter_code
_entity_poly.pdbx_strand_id
1 'polypeptide(L)'
;DPVLCFTQYEESSGKCKGLLGGGVSVEDCCLNTAFAYQKRSGGLCQPCRSPRWSLWSTWAPCSVTCSEGSQLRYRRCVGW
NGQCSGKVAPGTLEWQLQACEDQQCCPEMGGWSGWGPWEPCSVTCSKGTRTRRRACNHPAPKCGGHCPGQAQESEACDTQ
QVCPENLYFQ
;
A
2 'polypeptide(L)'
;GVAGGWGPWGPVSPCPVTCGLGQTMEQRTCNHPVPQHGGPFCAGDATRTHICNTAVPCPVDGEWDSWGEWSPCIRRNMKS
ISCQEIPGQQSRGRTCRGRKFDGHRCAGQQQDIRHCYSIQHCPLKGSWSEWSTWGLCMPPCGPNPTRARQRLCTPLLPKY
PPTVSMVEGQGEKNVTFWGRPLPRCEELQGQKLVVEEKRPCLHVPACKDPEEEELENLYFQ
;
B
#
loop_
_chem_comp.id
_chem_comp.type
_chem_comp.name
_chem_comp.formula
BGC D-saccharide, beta linking beta-D-glucopyranose 'C6 H12 O6'
FUC L-saccharide, alpha linking alpha-L-fucopyranose 'C6 H12 O5'
MAN D-saccharide, alpha linking alpha-D-mannopyranose 'C6 H12 O6'
NAG D-saccharide, beta linking 2-acetamido-2-deoxy-beta-D-glucopyranose 'C8 H15 N O6'
#
# COMPACT_ATOMS: atom_id res chain seq x y z
N ASP A 1 14.10 7.69 27.41
CA ASP A 1 15.00 7.00 26.49
C ASP A 1 15.31 7.88 25.28
N PRO A 2 16.59 8.17 25.08
CA PRO A 2 16.99 9.00 23.93
C PRO A 2 16.63 8.33 22.60
N VAL A 3 16.59 9.16 21.55
CA VAL A 3 16.23 8.70 20.22
C VAL A 3 16.69 9.75 19.21
N LEU A 4 17.03 9.30 18.00
CA LEU A 4 17.42 10.22 16.93
C LEU A 4 16.19 10.98 16.44
N CYS A 5 16.32 12.29 16.28
CA CYS A 5 15.23 13.17 15.91
C CYS A 5 15.48 13.75 14.52
N PHE A 6 14.48 13.62 13.65
CA PHE A 6 14.56 14.13 12.28
C PHE A 6 13.50 15.21 12.08
N THR A 7 13.80 16.15 11.17
CA THR A 7 12.97 17.33 11.00
C THR A 7 11.85 17.16 9.98
N GLN A 8 11.92 16.14 9.11
CA GLN A 8 10.92 15.95 8.08
C GLN A 8 10.64 14.47 7.92
N TYR A 9 9.37 14.14 7.65
CA TYR A 9 8.96 12.78 7.34
C TYR A 9 8.45 12.73 5.90
N GLU A 10 9.05 11.86 5.09
CA GLU A 10 8.69 11.70 3.69
C GLU A 10 7.69 10.56 3.57
N GLU A 11 6.45 10.89 3.23
CA GLU A 11 5.41 9.88 3.11
C GLU A 11 5.62 9.05 1.86
N SER A 12 5.07 7.83 1.89
CA SER A 12 5.13 6.87 0.78
C SER A 12 6.52 6.30 0.59
N SER A 13 7.50 6.81 1.32
CA SER A 13 8.84 6.26 1.33
C SER A 13 9.22 5.63 2.67
N GLY A 14 8.52 5.98 3.75
CA GLY A 14 8.79 5.39 5.05
C GLY A 14 10.16 5.72 5.60
N LYS A 15 10.69 6.90 5.25
CA LYS A 15 12.04 7.29 5.63
C LYS A 15 12.02 8.60 6.38
N CYS A 16 12.97 8.73 7.30
CA CYS A 16 13.25 9.97 8.00
C CYS A 16 14.31 10.74 7.23
N LYS A 17 14.03 12.01 6.94
CA LYS A 17 14.94 12.84 6.16
C LYS A 17 15.17 14.17 6.88
N GLY A 18 16.43 14.60 6.92
CA GLY A 18 16.79 15.82 7.62
C GLY A 18 17.10 15.58 9.08
N LEU A 19 18.34 15.20 9.37
CA LEU A 19 18.73 14.86 10.74
C LEU A 19 19.00 16.11 11.56
N LEU A 20 18.48 16.13 12.78
CA LEU A 20 18.68 17.22 13.73
C LEU A 20 19.62 16.87 14.87
N GLY A 21 19.54 15.65 15.38
CA GLY A 21 20.42 15.21 16.45
C GLY A 21 19.83 14.06 17.21
N GLY A 22 20.64 13.52 18.13
CA GLY A 22 20.21 12.44 18.99
C GLY A 22 20.30 12.80 20.46
N GLY A 23 20.22 11.80 21.33
CA GLY A 23 20.32 12.05 22.76
C GLY A 23 19.18 12.84 23.34
N VAL A 24 18.04 12.90 22.66
CA VAL A 24 16.88 13.64 23.10
C VAL A 24 15.70 12.67 23.24
N SER A 25 14.95 12.81 24.33
CA SER A 25 13.83 11.91 24.60
C SER A 25 12.77 12.03 23.51
N VAL A 26 11.93 11.00 23.42
CA VAL A 26 10.91 10.96 22.38
C VAL A 26 9.88 12.05 22.59
N GLU A 27 9.64 12.45 23.84
CA GLU A 27 8.63 13.46 24.13
C GLU A 27 9.04 14.83 23.61
N ASP A 28 10.30 15.21 23.82
CA ASP A 28 10.76 16.53 23.38
C ASP A 28 10.81 16.61 21.86
N CYS A 29 11.30 15.54 21.20
CA CYS A 29 11.42 15.55 19.75
C CYS A 29 10.05 15.70 19.09
N CYS A 30 9.03 15.02 19.63
CA CYS A 30 7.71 15.01 19.03
C CYS A 30 6.82 16.15 19.53
N LEU A 31 7.41 17.24 20.03
CA LEU A 31 6.62 18.42 20.36
C LEU A 31 6.12 19.10 19.09
N ASN A 32 6.86 18.99 18.00
CA ASN A 32 6.41 19.42 16.68
C ASN A 32 5.95 18.17 15.93
N THR A 33 4.64 18.08 15.67
CA THR A 33 4.06 16.89 15.08
C THR A 33 4.55 16.61 13.67
N ALA A 34 5.23 17.56 13.04
CA ALA A 34 5.80 17.34 11.71
C ALA A 34 7.15 16.65 11.74
N PHE A 35 7.69 16.36 12.93
CA PHE A 35 8.99 15.72 13.04
C PHE A 35 8.84 14.20 12.93
N ALA A 36 9.96 13.50 13.06
CA ALA A 36 9.99 12.05 13.01
C ALA A 36 11.23 11.56 13.73
N TYR A 37 11.17 10.33 14.22
CA TYR A 37 12.26 9.77 15.00
C TYR A 37 12.60 8.36 14.53
N GLN A 38 13.86 7.97 14.76
CA GLN A 38 14.36 6.65 14.42
C GLN A 38 15.28 6.19 15.55
N LYS A 39 15.05 4.98 16.06
CA LYS A 39 15.83 4.48 17.19
C LYS A 39 16.90 3.51 16.72
N ARG A 40 18.11 3.68 17.27
CA ARG A 40 19.26 2.81 17.07
C ARG A 40 19.79 2.82 15.64
N SER A 41 19.11 3.57 14.76
CA SER A 41 19.48 3.81 13.37
C SER A 41 19.27 2.60 12.46
N GLY A 42 18.85 1.46 13.00
CA GLY A 42 18.59 0.32 12.14
C GLY A 42 17.39 0.53 11.23
N GLY A 43 16.41 1.30 11.69
CA GLY A 43 15.21 1.58 10.92
C GLY A 43 14.10 2.03 11.83
N LEU A 44 12.87 1.70 11.42
CA LEU A 44 11.66 2.01 12.20
C LEU A 44 11.48 3.52 12.36
N CYS A 45 11.57 4.23 11.24
CA CYS A 45 11.29 5.65 11.23
C CYS A 45 9.79 5.89 11.41
N GLN A 46 9.43 6.84 12.29
CA GLN A 46 8.04 7.06 12.70
C GLN A 46 7.73 8.55 12.82
N PRO A 47 6.68 9.03 12.20
CA PRO A 47 6.31 10.43 12.35
C PRO A 47 5.76 10.71 13.76
N CYS A 48 5.71 11.99 14.09
CA CYS A 48 5.25 12.42 15.41
C CYS A 48 3.77 12.77 15.45
N ARG A 49 3.07 12.75 14.31
CA ARG A 49 1.66 13.08 14.27
C ARG A 49 0.83 11.95 14.88
N SER A 50 -0.48 12.17 14.97
CA SER A 50 -1.37 11.15 15.52
C SER A 50 -1.35 9.92 14.63
N PRO A 51 -1.36 8.72 15.22
CA PRO A 51 -1.28 7.48 14.42
C PRO A 51 -2.45 7.34 13.46
N ARG A 52 -2.14 7.25 12.18
CA ARG A 52 -3.13 7.01 11.14
C ARG A 52 -2.54 6.02 10.14
N TRP A 53 -3.40 5.15 9.60
CA TRP A 53 -2.94 4.11 8.67
C TRP A 53 -2.28 4.74 7.46
N SER A 54 -1.18 4.13 7.00
CA SER A 54 -0.48 4.61 5.82
C SER A 54 -1.21 4.16 4.55
N LEU A 55 -0.50 4.17 3.42
CA LEU A 55 -1.09 3.81 2.14
C LEU A 55 -0.76 2.36 1.80
N TRP A 56 -1.71 1.69 1.12
CA TRP A 56 -1.51 0.34 0.55
C TRP A 56 -0.37 0.38 -0.46
N SER A 57 0.68 -0.43 -0.25
CA SER A 57 1.79 -0.48 -1.18
C SER A 57 1.35 -1.12 -2.51
N THR A 58 2.22 -1.02 -3.49
CA THR A 58 1.99 -1.72 -4.75
C THR A 58 2.01 -3.22 -4.50
N TRP A 59 1.25 -3.94 -5.33
CA TRP A 59 1.14 -5.38 -5.20
C TRP A 59 2.49 -6.04 -5.39
N ALA A 60 2.83 -6.95 -4.45
CA ALA A 60 4.03 -7.73 -4.66
C ALA A 60 3.87 -8.58 -5.93
N PRO A 61 4.97 -8.92 -6.60
CA PRO A 61 4.86 -9.76 -7.80
C PRO A 61 4.14 -11.07 -7.48
N CYS A 62 3.37 -11.55 -8.46
CA CYS A 62 2.62 -12.78 -8.29
C CYS A 62 3.56 -13.91 -7.89
N SER A 63 3.10 -14.73 -6.94
CA SER A 63 3.96 -15.76 -6.35
C SER A 63 4.49 -16.72 -7.41
N VAL A 64 3.75 -16.92 -8.49
CA VAL A 64 4.19 -17.74 -9.62
C VAL A 64 3.79 -17.04 -10.91
N THR A 65 4.62 -17.21 -11.95
CA THR A 65 4.37 -16.66 -13.27
C THR A 65 3.34 -17.47 -14.05
N CYS A 66 2.82 -18.54 -13.48
CA CYS A 66 1.97 -19.49 -14.20
C CYS A 66 0.58 -19.53 -13.60
N SER A 67 -0.43 -19.51 -14.48
CA SER A 67 -1.83 -19.80 -14.15
C SER A 67 -2.27 -18.87 -13.02
N GLU A 68 -2.81 -19.38 -11.93
CA GLU A 68 -3.29 -18.56 -10.81
C GLU A 68 -2.26 -18.57 -9.69
N GLY A 69 -2.02 -17.39 -9.12
CA GLY A 69 -1.08 -17.21 -8.04
C GLY A 69 -1.71 -16.42 -6.89
N SER A 70 -0.85 -15.75 -6.14
CA SER A 70 -1.27 -14.94 -5.00
C SER A 70 -0.23 -13.85 -4.75
N GLN A 71 -0.71 -12.64 -4.45
CA GLN A 71 0.14 -11.48 -4.24
C GLN A 71 -0.35 -10.69 -3.04
N LEU A 72 0.57 -10.02 -2.37
CA LEU A 72 0.29 -9.30 -1.13
C LEU A 72 0.60 -7.82 -1.27
N ARG A 73 0.01 -7.02 -0.38
CA ARG A 73 0.36 -5.63 -0.22
C ARG A 73 0.16 -5.26 1.25
N TYR A 74 1.01 -4.39 1.76
CA TYR A 74 1.06 -4.09 3.19
C TYR A 74 0.61 -2.66 3.46
N ARG A 75 0.32 -2.41 4.75
CA ARG A 75 -0.07 -1.09 5.23
C ARG A 75 0.28 -1.02 6.70
N ARG A 76 1.16 -0.09 7.06
CA ARG A 76 1.66 0.04 8.43
C ARG A 76 1.06 1.26 9.11
N CYS A 77 0.72 1.10 10.39
CA CYS A 77 0.19 2.20 11.20
C CYS A 77 1.37 3.06 11.67
N VAL A 78 1.42 4.31 11.21
CA VAL A 78 2.52 5.23 11.51
C VAL A 78 2.01 6.33 12.43
N GLY A 79 2.74 6.60 13.49
CA GLY A 79 2.35 7.61 14.46
C GLY A 79 3.03 7.40 15.79
N TRP A 80 2.70 8.27 16.74
CA TRP A 80 3.30 8.23 18.07
C TRP A 80 2.24 8.51 19.12
N ASN A 81 2.20 7.66 20.14
CA ASN A 81 1.27 7.80 21.26
C ASN A 81 -0.18 7.84 20.79
N GLY A 82 -0.72 6.68 20.43
CA GLY A 82 -2.07 6.61 19.93
C GLY A 82 -2.32 5.29 19.24
N GLN A 83 -3.57 5.11 18.82
CA GLN A 83 -3.98 3.89 18.15
C GLN A 83 -4.64 4.20 16.82
N CYS A 84 -4.34 3.38 15.81
CA CYS A 84 -5.04 3.48 14.54
C CYS A 84 -6.46 2.93 14.68
N SER A 85 -7.19 2.93 13.57
CA SER A 85 -8.56 2.43 13.58
C SER A 85 -8.57 0.92 13.84
N GLY A 86 -9.24 0.53 14.91
CA GLY A 86 -9.34 -0.87 15.30
C GLY A 86 -8.49 -1.28 16.50
N LYS A 87 -8.16 -0.34 17.40
CA LYS A 87 -7.37 -0.61 18.60
C LYS A 87 -6.02 -1.24 18.24
N VAL A 88 -5.33 -0.63 17.28
CA VAL A 88 -4.09 -1.16 16.73
C VAL A 88 -2.93 -0.29 17.20
N ALA A 89 -1.83 -0.95 17.57
CA ALA A 89 -0.66 -0.24 18.07
C ALA A 89 0.21 0.22 16.91
N PRO A 90 0.94 1.32 17.09
CA PRO A 90 1.83 1.80 16.02
C PRO A 90 2.93 0.81 15.72
N GLY A 91 3.14 0.54 14.42
CA GLY A 91 4.12 -0.42 13.97
C GLY A 91 3.56 -1.73 13.48
N THR A 92 2.25 -1.95 13.61
CA THR A 92 1.61 -3.18 13.18
C THR A 92 1.25 -3.10 11.70
N LEU A 93 1.22 -4.26 11.05
CA LEU A 93 1.01 -4.36 9.61
C LEU A 93 -0.29 -5.10 9.32
N GLU A 94 -1.03 -4.60 8.33
CA GLU A 94 -2.20 -5.28 7.77
C GLU A 94 -1.92 -5.69 6.34
N TRP A 95 -2.47 -6.84 5.95
CA TRP A 95 -2.20 -7.42 4.65
C TRP A 95 -3.50 -7.67 3.90
N GLN A 96 -3.37 -7.74 2.58
CA GLN A 96 -4.48 -8.09 1.70
C GLN A 96 -3.92 -9.03 0.64
N LEU A 97 -4.38 -10.29 0.65
CA LEU A 97 -3.95 -11.27 -0.32
C LEU A 97 -4.95 -11.32 -1.48
N GLN A 98 -4.43 -11.44 -2.70
CA GLN A 98 -5.25 -11.35 -3.90
C GLN A 98 -4.73 -12.34 -4.94
N ALA A 99 -5.66 -12.96 -5.68
CA ALA A 99 -5.28 -13.88 -6.75
C ALA A 99 -4.87 -13.12 -8.00
N CYS A 100 -3.78 -13.56 -8.62
CA CYS A 100 -3.24 -12.90 -9.80
C CYS A 100 -3.00 -13.94 -10.90
N GLU A 101 -2.88 -13.44 -12.13
CA GLU A 101 -2.62 -14.29 -13.29
C GLU A 101 -1.76 -13.51 -14.26
N ASP A 102 -0.50 -13.95 -14.42
CA ASP A 102 0.39 -13.31 -15.38
C ASP A 102 0.03 -13.73 -16.81
N GLN A 103 -0.09 -15.03 -17.04
CA GLN A 103 -0.47 -15.55 -18.35
C GLN A 103 -1.38 -16.76 -18.17
N GLN A 104 -1.98 -17.21 -19.28
CA GLN A 104 -2.93 -18.32 -19.26
C GLN A 104 -2.20 -19.66 -19.32
N CYS A 105 -1.67 -20.01 -20.50
CA CYS A 105 -0.88 -21.23 -20.62
C CYS A 105 0.45 -21.06 -19.89
N CYS A 106 1.25 -22.13 -19.89
CA CYS A 106 2.61 -22.06 -19.40
C CYS A 106 3.44 -23.12 -20.10
N PRO A 107 4.76 -22.89 -20.28
CA PRO A 107 5.56 -23.75 -21.15
C PRO A 107 5.55 -25.23 -20.77
N GLU A 108 4.88 -26.04 -21.58
CA GLU A 108 4.95 -27.48 -21.51
C GLU A 108 5.93 -27.94 -22.58
N MET A 109 7.09 -28.44 -22.15
CA MET A 109 8.13 -28.80 -23.10
C MET A 109 7.71 -29.98 -23.96
N GLY A 110 8.11 -29.95 -25.24
CA GLY A 110 7.82 -31.04 -26.14
C GLY A 110 8.87 -32.13 -26.10
N GLY A 111 8.56 -33.25 -26.76
CA GLY A 111 9.46 -34.39 -26.84
C GLY A 111 10.08 -34.50 -28.21
N TRP A 112 11.31 -35.05 -28.26
CA TRP A 112 12.02 -35.27 -29.53
C TRP A 112 11.35 -36.37 -30.35
N SER A 113 11.42 -36.25 -31.68
CA SER A 113 10.86 -37.20 -32.63
C SER A 113 11.93 -38.19 -33.06
N GLY A 114 11.57 -39.06 -34.00
CA GLY A 114 12.54 -40.00 -34.53
C GLY A 114 13.65 -39.28 -35.28
N TRP A 115 14.86 -39.85 -35.18
CA TRP A 115 16.03 -39.26 -35.81
C TRP A 115 15.97 -39.22 -37.31
N GLY A 116 16.33 -38.05 -37.84
CA GLY A 116 16.45 -38.02 -39.27
C GLY A 116 17.68 -38.78 -39.71
N PRO A 117 17.63 -39.36 -40.91
CA PRO A 117 18.78 -40.11 -41.41
C PRO A 117 20.04 -39.25 -41.49
N TRP A 118 21.20 -39.92 -41.38
CA TRP A 118 22.53 -39.27 -41.46
C TRP A 118 22.71 -38.57 -42.81
N GLU A 119 23.04 -37.26 -42.76
CA GLU A 119 23.36 -36.52 -43.97
C GLU A 119 24.71 -36.97 -44.52
N PRO A 120 24.92 -36.84 -45.84
CA PRO A 120 26.21 -37.22 -46.42
C PRO A 120 27.35 -36.40 -45.85
N CYS A 121 28.56 -36.96 -45.97
CA CYS A 121 29.74 -36.30 -45.44
C CYS A 121 29.96 -34.97 -46.15
N SER A 122 30.32 -33.94 -45.37
CA SER A 122 30.40 -32.57 -45.88
C SER A 122 31.48 -32.38 -46.94
N VAL A 123 32.36 -33.38 -47.14
CA VAL A 123 33.44 -33.28 -48.12
C VAL A 123 33.59 -34.64 -48.79
N THR A 124 34.10 -34.67 -50.04
CA THR A 124 34.42 -35.87 -50.82
C THR A 124 35.87 -36.38 -50.69
N CYS A 125 36.78 -35.67 -50.01
CA CYS A 125 38.16 -36.13 -49.87
C CYS A 125 38.63 -35.87 -48.45
N SER A 126 39.54 -36.74 -47.97
CA SER A 126 40.12 -36.66 -46.63
C SER A 126 39.01 -36.81 -45.60
N LYS A 127 38.76 -35.83 -44.72
CA LYS A 127 37.82 -35.98 -43.62
C LYS A 127 36.86 -34.80 -43.58
N GLY A 128 35.63 -35.07 -43.13
CA GLY A 128 34.60 -34.04 -43.06
C GLY A 128 33.69 -34.12 -41.84
N THR A 129 32.46 -33.62 -41.97
CA THR A 129 31.51 -33.56 -40.86
C THR A 129 30.19 -34.20 -41.30
N ARG A 130 29.66 -35.07 -40.44
CA ARG A 130 28.42 -35.81 -40.71
C ARG A 130 27.36 -35.31 -39.75
N THR A 131 26.36 -34.59 -40.26
CA THR A 131 25.33 -33.96 -39.45
C THR A 131 24.09 -34.84 -39.39
N ARG A 132 23.37 -34.76 -38.28
CA ARG A 132 22.18 -35.56 -38.04
C ARG A 132 21.17 -34.69 -37.31
N ARG A 133 20.05 -34.37 -37.96
CA ARG A 133 19.07 -33.44 -37.43
C ARG A 133 17.76 -34.15 -37.14
N ARG A 134 17.03 -33.63 -36.14
CA ARG A 134 15.69 -34.09 -35.80
C ARG A 134 14.82 -32.87 -35.57
N ALA A 135 13.58 -33.11 -35.14
CA ALA A 135 12.61 -32.05 -34.90
C ALA A 135 12.03 -32.18 -33.51
N CYS A 136 11.50 -31.06 -33.01
CA CYS A 136 10.86 -31.00 -31.70
C CYS A 136 9.35 -30.84 -31.89
N ASN A 137 8.72 -31.91 -32.37
CA ASN A 137 7.27 -31.90 -32.64
C ASN A 137 6.66 -33.26 -32.36
N HIS A 138 7.10 -33.92 -31.29
CA HIS A 138 6.55 -35.22 -30.89
C HIS A 138 6.62 -35.35 -29.38
N PRO A 139 5.74 -34.64 -28.65
CA PRO A 139 4.74 -33.68 -29.15
C PRO A 139 5.30 -32.28 -29.36
N ALA A 140 4.51 -31.38 -29.92
CA ALA A 140 4.94 -30.01 -30.14
C ALA A 140 4.83 -29.19 -28.86
N PRO A 141 5.75 -28.25 -28.65
CA PRO A 141 5.71 -27.42 -27.45
C PRO A 141 4.63 -26.34 -27.54
N LYS A 142 4.10 -25.98 -26.38
CA LYS A 142 3.08 -24.95 -26.26
C LYS A 142 3.59 -23.80 -25.41
N CYS A 143 2.95 -22.64 -25.56
CA CYS A 143 3.29 -21.43 -24.83
C CYS A 143 4.75 -21.04 -25.08
N GLY A 144 5.65 -21.44 -24.18
CA GLY A 144 7.05 -21.08 -24.30
C GLY A 144 8.01 -22.23 -24.11
N GLY A 145 7.54 -23.46 -24.34
CA GLY A 145 8.35 -24.63 -24.09
C GLY A 145 9.37 -24.91 -25.18
N HIS A 146 10.40 -25.66 -24.80
CA HIS A 146 11.46 -26.08 -25.72
C HIS A 146 11.89 -27.49 -25.37
N CYS A 147 12.50 -28.16 -26.35
CA CYS A 147 12.95 -29.52 -26.11
C CYS A 147 14.29 -29.51 -25.36
N PRO A 148 14.52 -30.46 -24.45
CA PRO A 148 15.80 -30.52 -23.74
C PRO A 148 16.90 -31.07 -24.64
N GLY A 149 18.04 -30.39 -24.64
CA GLY A 149 19.16 -30.77 -25.47
C GLY A 149 19.23 -29.97 -26.76
N GLN A 150 19.85 -30.58 -27.76
CA GLN A 150 20.00 -29.97 -29.08
C GLN A 150 19.27 -30.80 -30.13
N ALA A 151 19.08 -30.19 -31.30
CA ALA A 151 18.32 -30.78 -32.39
C ALA A 151 19.18 -31.24 -33.55
N GLN A 152 20.51 -31.16 -33.43
CA GLN A 152 21.39 -31.53 -34.53
C GLN A 152 22.70 -32.07 -33.95
N GLU A 153 22.86 -33.39 -33.99
CA GLU A 153 24.14 -34.01 -33.68
C GLU A 153 25.08 -33.92 -34.87
N SER A 154 26.36 -33.75 -34.59
CA SER A 154 27.36 -33.62 -35.64
C SER A 154 28.58 -34.46 -35.26
N GLU A 155 28.97 -35.36 -36.17
CA GLU A 155 30.13 -36.22 -35.98
C GLU A 155 31.07 -36.06 -37.17
N ALA A 156 32.14 -36.85 -37.18
CA ALA A 156 33.14 -36.81 -38.24
C ALA A 156 33.04 -38.05 -39.11
N CYS A 157 33.50 -37.92 -40.36
CA CYS A 157 33.46 -39.01 -41.33
C CYS A 157 34.75 -39.03 -42.12
N ASP A 158 35.22 -40.24 -42.46
CA ASP A 158 36.42 -40.44 -43.27
C ASP A 158 35.99 -40.98 -44.63
N THR A 159 36.18 -40.17 -45.67
CA THR A 159 35.81 -40.57 -47.02
C THR A 159 36.76 -41.59 -47.61
N GLN A 160 37.96 -41.74 -47.03
CA GLN A 160 38.98 -42.66 -47.53
C GLN A 160 39.32 -42.38 -49.00
N GLN A 161 39.39 -41.08 -49.33
CA GLN A 161 39.75 -40.62 -50.66
C GLN A 161 40.75 -39.48 -50.54
N VAL A 162 41.78 -39.51 -51.40
CA VAL A 162 42.82 -38.48 -51.39
C VAL A 162 42.39 -37.33 -52.27
N CYS A 163 42.75 -36.10 -51.85
CA CYS A 163 42.46 -34.98 -52.73
C CYS A 163 43.60 -34.79 -53.73
N PRO A 164 43.28 -34.22 -54.91
CA PRO A 164 44.31 -34.05 -55.95
C PRO A 164 45.54 -33.27 -55.48
N GLU A 165 46.50 -33.98 -54.90
CA GLU A 165 47.78 -33.42 -54.48
C GLU A 165 47.61 -32.26 -53.50
N GLY B 1 55.22 30.39 5.61
CA GLY B 1 54.48 29.50 6.48
C GLY B 1 54.15 30.12 7.84
N VAL B 2 52.94 30.65 7.96
CA VAL B 2 52.45 31.25 9.20
C VAL B 2 51.23 30.48 9.65
N ALA B 3 51.23 30.05 10.92
CA ALA B 3 50.16 29.20 11.42
C ALA B 3 48.85 29.95 11.51
N GLY B 4 47.78 29.34 11.00
CA GLY B 4 46.46 29.90 11.16
C GLY B 4 45.91 29.64 12.55
N GLY B 5 45.12 30.59 13.04
CA GLY B 5 44.52 30.47 14.35
C GLY B 5 43.12 31.06 14.37
N TRP B 6 42.34 30.62 15.36
CA TRP B 6 40.96 31.09 15.40
C TRP B 6 40.86 32.37 16.17
N GLY B 7 39.83 33.10 15.84
CA GLY B 7 39.50 34.29 16.55
C GLY B 7 38.35 34.06 17.51
N PRO B 8 37.63 35.12 17.86
CA PRO B 8 36.50 34.99 18.79
C PRO B 8 35.29 34.34 18.12
N TRP B 9 34.57 33.57 18.90
CA TRP B 9 33.33 33.09 18.36
C TRP B 9 32.29 34.17 18.26
N GLY B 10 31.52 34.07 17.18
CA GLY B 10 30.48 35.02 16.91
C GLY B 10 29.28 34.84 17.82
N PRO B 11 28.31 35.75 17.72
CA PRO B 11 27.11 35.63 18.57
C PRO B 11 26.25 34.46 18.14
N VAL B 12 25.78 33.70 19.14
CA VAL B 12 24.92 32.56 18.86
C VAL B 12 23.56 33.06 18.38
N SER B 13 23.02 32.39 17.37
CA SER B 13 21.73 32.78 16.82
C SER B 13 20.61 32.44 17.81
N PRO B 14 19.58 33.27 17.90
CA PRO B 14 18.46 32.95 18.79
C PRO B 14 17.67 31.75 18.27
N CYS B 15 16.99 31.06 19.20
CA CYS B 15 16.20 29.88 18.86
C CYS B 15 15.14 30.27 17.85
N PRO B 16 15.23 29.77 16.61
CA PRO B 16 14.36 30.30 15.55
C PRO B 16 12.92 29.84 15.65
N VAL B 17 12.66 28.69 16.27
CA VAL B 17 11.32 28.11 16.31
C VAL B 17 10.62 28.51 17.59
N THR B 18 9.31 28.77 17.46
CA THR B 18 8.38 29.06 18.53
C THR B 18 7.68 27.84 19.13
N CYS B 19 8.19 26.62 18.89
CA CYS B 19 7.59 25.40 19.42
C CYS B 19 8.59 24.26 19.27
N GLY B 20 8.54 23.33 20.21
CA GLY B 20 9.34 22.13 20.09
C GLY B 20 10.83 22.41 20.04
N LEU B 21 11.53 21.67 19.19
CA LEU B 21 12.98 21.76 19.08
C LEU B 21 13.38 22.64 17.91
N GLY B 22 14.55 23.26 18.04
CA GLY B 22 15.12 24.09 16.99
C GLY B 22 16.60 23.84 16.82
N GLN B 23 17.35 24.85 16.39
CA GLN B 23 18.79 24.72 16.21
C GLN B 23 19.42 26.09 16.16
N THR B 24 20.51 26.27 16.90
CA THR B 24 21.29 27.49 16.90
C THR B 24 22.73 27.17 16.49
N MET B 25 23.46 28.20 16.05
CA MET B 25 24.84 28.00 15.65
C MET B 25 25.61 29.30 15.83
N GLU B 26 26.89 29.21 15.90
CA GLU B 26 27.80 30.34 16.06
C GLU B 26 28.80 30.34 14.90
N GLN B 27 29.31 31.49 14.53
CA GLN B 27 30.20 31.68 13.38
C GLN B 27 31.46 32.40 13.82
N ARG B 28 32.60 31.70 13.75
CA ARG B 28 33.90 32.30 14.02
C ARG B 28 34.72 32.34 12.74
N THR B 29 35.76 33.18 12.77
CA THR B 29 36.60 33.42 11.60
C THR B 29 38.05 33.22 11.97
N CYS B 30 38.84 32.76 10.99
CA CYS B 30 40.28 32.62 11.14
C CYS B 30 41.00 33.90 10.73
N ASN B 31 40.53 35.03 11.27
CA ASN B 31 41.06 36.34 10.93
C ASN B 31 41.98 36.90 12.01
N HIS B 32 42.23 36.16 13.08
CA HIS B 32 43.04 36.69 14.17
C HIS B 32 44.51 36.38 13.92
N PRO B 33 44.95 35.09 13.84
CA PRO B 33 46.19 34.82 13.09
C PRO B 33 45.89 34.25 11.72
N VAL B 34 45.88 35.10 10.70
CA VAL B 34 45.55 34.65 9.33
C VAL B 34 46.70 33.81 8.79
N PRO B 35 46.42 32.67 8.17
CA PRO B 35 47.50 31.87 7.58
C PRO B 35 48.11 32.57 6.38
N GLN B 36 49.43 32.49 6.27
CA GLN B 36 50.19 33.14 5.21
C GLN B 36 51.00 32.11 4.43
N HIS B 37 51.02 32.27 3.12
CA HIS B 37 51.79 31.46 2.17
C HIS B 37 51.31 30.01 2.10
N GLY B 38 50.20 29.67 2.74
CA GLY B 38 49.58 28.38 2.56
C GLY B 38 50.25 27.22 3.26
N GLY B 39 51.24 27.47 4.10
CA GLY B 39 51.88 26.41 4.85
C GLY B 39 50.92 25.68 5.77
N PRO B 40 50.52 26.32 6.86
CA PRO B 40 49.53 25.72 7.75
C PRO B 40 48.14 26.34 7.59
N PHE B 41 47.13 25.72 8.17
CA PHE B 41 45.77 26.26 8.15
C PHE B 41 45.10 25.99 9.48
N CYS B 42 44.11 26.83 9.79
CA CYS B 42 43.40 26.73 11.06
C CYS B 42 42.62 25.43 11.15
N ALA B 43 42.74 24.74 12.28
CA ALA B 43 42.15 23.42 12.45
C ALA B 43 40.76 23.54 13.09
N GLY B 44 40.10 22.39 13.27
CA GLY B 44 38.79 22.37 13.87
C GLY B 44 37.69 22.69 12.87
N ASP B 45 36.59 23.24 13.39
CA ASP B 45 35.45 23.64 12.59
C ASP B 45 35.12 25.10 12.82
N ALA B 46 34.59 25.76 11.79
CA ALA B 46 34.23 27.17 11.86
C ALA B 46 32.75 27.38 12.17
N THR B 47 32.04 26.33 12.55
CA THR B 47 30.61 26.44 12.85
C THR B 47 30.22 25.29 13.78
N ARG B 48 29.77 25.63 14.99
CA ARG B 48 29.26 24.66 15.93
C ARG B 48 27.76 24.87 16.12
N THR B 49 27.02 23.76 16.21
CA THR B 49 25.57 23.78 16.29
C THR B 49 25.11 23.22 17.63
N HIS B 50 23.97 23.72 18.11
CA HIS B 50 23.37 23.25 19.34
C HIS B 50 21.85 23.21 19.17
N ILE B 51 21.21 22.34 19.94
CA ILE B 51 19.76 22.16 19.88
C ILE B 51 19.14 22.97 21.02
N CYS B 52 18.28 23.91 20.67
CA CYS B 52 17.56 24.71 21.66
C CYS B 52 16.18 24.11 21.87
N ASN B 53 15.85 23.79 23.12
CA ASN B 53 14.62 23.10 23.45
C ASN B 53 13.63 24.11 24.03
N THR B 54 12.46 24.22 23.39
CA THR B 54 11.34 24.97 23.92
C THR B 54 10.25 24.00 24.31
N ALA B 55 9.76 24.11 25.55
CA ALA B 55 8.84 23.12 26.06
C ALA B 55 7.45 23.21 25.45
N VAL B 56 7.09 24.34 24.86
CA VAL B 56 5.72 24.51 24.35
C VAL B 56 5.48 23.55 23.19
N PRO B 57 4.34 22.84 23.15
CA PRO B 57 4.05 21.98 22.00
C PRO B 57 3.69 22.79 20.77
N CYS B 58 3.51 22.12 19.64
CA CYS B 58 3.19 22.85 18.43
C CYS B 58 1.73 22.66 18.04
N PRO B 59 1.10 23.69 17.48
CA PRO B 59 -0.32 23.56 17.08
C PRO B 59 -0.55 22.48 16.05
N VAL B 60 -1.26 21.43 16.44
CA VAL B 60 -1.67 20.37 15.52
C VAL B 60 -3.12 20.62 15.14
N ASP B 61 -3.37 20.88 13.86
CA ASP B 61 -4.70 21.21 13.39
C ASP B 61 -5.61 19.97 13.44
N GLY B 62 -6.90 20.21 13.54
CA GLY B 62 -7.87 19.15 13.65
C GLY B 62 -8.29 18.63 12.29
N GLU B 63 -8.20 17.31 12.11
CA GLU B 63 -8.65 16.65 10.90
C GLU B 63 -10.02 16.03 11.13
N TRP B 64 -10.88 16.10 10.12
CA TRP B 64 -12.21 15.56 10.23
C TRP B 64 -12.18 14.05 10.36
N ASP B 65 -13.14 13.52 11.13
CA ASP B 65 -13.33 12.08 11.23
C ASP B 65 -14.20 11.60 10.07
N SER B 66 -14.16 10.30 9.82
CA SER B 66 -15.02 9.72 8.80
C SER B 66 -16.48 9.84 9.22
N TRP B 67 -17.37 9.82 8.22
CA TRP B 67 -18.78 10.02 8.48
C TRP B 67 -19.32 8.91 9.32
N GLY B 68 -20.18 9.27 10.27
CA GLY B 68 -20.83 8.23 11.05
C GLY B 68 -21.86 7.47 10.24
N GLU B 69 -22.73 6.74 10.92
CA GLU B 69 -23.77 5.99 10.23
C GLU B 69 -25.01 6.85 10.06
N TRP B 70 -25.65 6.74 8.89
CA TRP B 70 -26.97 7.36 8.72
C TRP B 70 -27.98 7.00 9.80
N SER B 71 -28.61 8.06 10.33
CA SER B 71 -29.62 7.89 11.36
C SER B 71 -30.86 7.23 10.78
N PRO B 72 -31.73 6.67 11.62
CA PRO B 72 -33.00 6.14 11.11
C PRO B 72 -33.82 7.21 10.41
N CYS B 73 -34.54 6.80 9.38
CA CYS B 73 -35.36 7.70 8.58
C CYS B 73 -36.72 7.85 9.24
N ILE B 74 -37.01 9.04 9.76
CA ILE B 74 -38.25 9.30 10.49
C ILE B 74 -38.87 10.60 9.98
N ARG B 75 -40.19 10.67 10.10
CA ARG B 75 -40.95 11.90 9.87
C ARG B 75 -41.46 12.41 11.20
N ARG B 76 -41.40 13.72 11.39
CA ARG B 76 -41.81 14.33 12.66
C ARG B 76 -43.28 14.05 12.93
N ASN B 77 -43.57 13.60 14.16
CA ASN B 77 -44.93 13.38 14.65
C ASN B 77 -45.67 12.30 13.86
N MET B 78 -44.96 11.25 13.43
CA MET B 78 -45.59 10.15 12.71
C MET B 78 -45.09 8.78 13.12
N LYS B 79 -44.13 8.69 14.04
CA LYS B 79 -43.59 7.42 14.55
C LYS B 79 -42.98 6.64 13.38
N SER B 80 -43.45 5.45 13.06
CA SER B 80 -42.88 4.66 11.98
C SER B 80 -43.46 5.07 10.63
N ILE B 81 -42.60 5.09 9.61
CA ILE B 81 -42.99 5.48 8.26
C ILE B 81 -42.45 4.46 7.26
N SER B 82 -42.27 3.22 7.71
CA SER B 82 -41.67 2.20 6.86
C SER B 82 -42.64 1.74 5.77
N CYS B 83 -42.08 1.42 4.60
CA CYS B 83 -42.83 0.86 3.48
C CYS B 83 -43.99 1.75 3.04
N GLN B 84 -43.81 3.07 3.15
CA GLN B 84 -44.84 4.03 2.78
C GLN B 84 -44.21 5.23 2.08
N GLU B 85 -45.03 5.94 1.32
CA GLU B 85 -44.64 7.19 0.68
C GLU B 85 -44.73 8.30 1.73
N ILE B 86 -43.72 8.37 2.59
CA ILE B 86 -43.62 9.40 3.61
C ILE B 86 -42.18 9.89 3.66
N PRO B 87 -41.89 11.13 3.27
CA PRO B 87 -40.50 11.60 3.22
C PRO B 87 -40.00 11.99 4.60
N GLY B 88 -38.91 11.37 5.04
CA GLY B 88 -38.29 11.66 6.30
C GLY B 88 -36.99 12.43 6.16
N GLN B 89 -36.31 12.59 7.30
CA GLN B 89 -35.03 13.28 7.35
C GLN B 89 -34.10 12.53 8.29
N GLN B 90 -32.94 12.11 7.78
CA GLN B 90 -31.93 11.43 8.57
C GLN B 90 -30.65 12.24 8.59
N SER B 91 -29.93 12.18 9.70
CA SER B 91 -28.72 12.97 9.90
C SER B 91 -27.50 12.07 9.99
N ARG B 92 -26.32 12.70 9.94
CA ARG B 92 -25.06 12.00 10.01
C ARG B 92 -24.04 12.95 10.62
N GLY B 93 -23.22 12.43 11.54
CA GLY B 93 -22.33 13.27 12.33
C GLY B 93 -20.87 12.92 12.13
N ARG B 94 -20.02 13.92 12.30
CA ARG B 94 -18.57 13.79 12.28
C ARG B 94 -17.99 14.20 13.63
N THR B 95 -16.67 14.13 13.73
CA THR B 95 -15.96 14.45 14.97
C THR B 95 -14.67 15.17 14.62
N CYS B 96 -14.52 16.41 15.07
CA CYS B 96 -13.29 17.18 14.89
C CYS B 96 -12.25 16.62 15.85
N ARG B 97 -11.49 15.63 15.38
CA ARG B 97 -10.56 14.88 16.21
C ARG B 97 -9.14 15.40 15.97
N GLY B 98 -8.47 15.81 17.04
CA GLY B 98 -7.06 16.15 16.99
C GLY B 98 -6.71 17.60 17.19
N ARG B 99 -7.70 18.49 17.35
CA ARG B 99 -7.42 19.91 17.53
C ARG B 99 -6.81 20.14 18.91
N LYS B 100 -5.52 20.49 18.94
CA LYS B 100 -4.79 20.71 20.18
C LYS B 100 -3.83 21.88 20.02
N PHE B 101 -3.61 22.59 21.12
CA PHE B 101 -2.61 23.65 21.23
C PHE B 101 -2.88 24.80 20.24
N ASP B 102 -4.10 25.35 20.34
CA ASP B 102 -4.53 26.48 19.51
C ASP B 102 -4.48 26.15 18.02
N GLY B 103 -4.56 24.87 17.68
CA GLY B 103 -4.62 24.48 16.29
C GLY B 103 -5.89 24.96 15.62
N HIS B 104 -5.82 25.11 14.30
CA HIS B 104 -6.96 25.57 13.53
C HIS B 104 -8.12 24.59 13.65
N ARG B 105 -9.29 25.12 13.98
CA ARG B 105 -10.49 24.29 14.10
C ARG B 105 -10.87 23.68 12.75
N CYS B 106 -11.64 22.61 12.80
CA CYS B 106 -12.09 21.96 11.58
C CYS B 106 -13.06 22.87 10.82
N ALA B 107 -12.90 22.91 9.51
CA ALA B 107 -13.68 23.78 8.63
C ALA B 107 -14.71 22.96 7.88
N GLY B 108 -15.97 23.41 7.90
CA GLY B 108 -17.04 22.72 7.22
C GLY B 108 -18.25 22.58 8.12
N GLN B 109 -19.11 21.63 7.79
CA GLN B 109 -20.32 21.35 8.55
C GLN B 109 -20.21 19.96 9.15
N GLN B 110 -20.32 19.85 10.47
CA GLN B 110 -20.18 18.58 11.16
C GLN B 110 -21.47 17.75 11.14
N GLN B 111 -22.50 18.19 10.41
CA GLN B 111 -23.78 17.50 10.38
C GLN B 111 -24.31 17.50 8.95
N ASP B 112 -24.49 16.32 8.39
CA ASP B 112 -25.04 16.14 7.05
C ASP B 112 -26.45 15.57 7.18
N ILE B 113 -27.41 16.20 6.50
CA ILE B 113 -28.82 15.83 6.56
C ILE B 113 -29.34 15.67 5.13
N ARG B 114 -30.07 14.60 4.90
CA ARG B 114 -30.69 14.34 3.60
C ARG B 114 -32.11 13.83 3.81
N HIS B 115 -32.97 14.09 2.82
CA HIS B 115 -34.32 13.55 2.85
C HIS B 115 -34.31 12.10 2.36
N CYS B 116 -35.17 11.27 2.96
CA CYS B 116 -35.08 9.84 2.77
C CYS B 116 -36.46 9.20 2.80
N TYR B 117 -36.54 8.00 2.23
CA TYR B 117 -37.66 7.08 2.41
C TYR B 117 -37.18 5.89 3.24
N SER B 118 -38.02 5.46 4.18
CA SER B 118 -37.67 4.34 5.04
C SER B 118 -38.15 3.03 4.41
N ILE B 119 -37.25 2.04 4.37
CA ILE B 119 -37.54 0.74 3.77
C ILE B 119 -37.05 -0.35 4.71
N GLN B 120 -37.00 -0.02 6.00
CA GLN B 120 -36.50 -0.94 7.01
C GLN B 120 -37.42 -2.16 7.14
N HIS B 121 -36.86 -3.35 6.92
CA HIS B 121 -37.52 -4.64 7.14
C HIS B 121 -38.75 -4.85 6.25
N CYS B 122 -38.90 -4.06 5.18
CA CYS B 122 -40.06 -4.21 4.32
C CYS B 122 -39.89 -5.39 3.37
N PRO B 123 -40.88 -6.26 3.24
CA PRO B 123 -40.80 -7.34 2.25
C PRO B 123 -40.98 -6.79 0.84
N LEU B 124 -40.05 -7.12 -0.06
CA LEU B 124 -40.07 -6.65 -1.42
C LEU B 124 -39.80 -7.81 -2.39
N LYS B 125 -40.25 -7.63 -3.63
CA LYS B 125 -39.88 -8.54 -4.70
C LYS B 125 -38.41 -8.36 -5.05
N GLY B 126 -37.75 -9.47 -5.42
CA GLY B 126 -36.33 -9.46 -5.69
C GLY B 126 -35.99 -10.15 -7.00
N SER B 127 -34.70 -10.10 -7.33
CA SER B 127 -34.17 -10.74 -8.53
C SER B 127 -32.69 -11.01 -8.29
N TRP B 128 -32.25 -12.17 -8.79
CA TRP B 128 -30.89 -12.62 -8.53
C TRP B 128 -29.88 -11.86 -9.37
N SER B 129 -28.95 -11.18 -8.72
CA SER B 129 -27.92 -10.51 -9.50
C SER B 129 -26.88 -11.52 -9.98
N GLU B 130 -26.01 -11.07 -10.88
CA GLU B 130 -24.97 -11.93 -11.44
C GLU B 130 -23.87 -12.15 -10.41
N TRP B 131 -22.89 -12.99 -10.75
CA TRP B 131 -21.74 -13.34 -9.92
C TRP B 131 -20.84 -12.09 -9.66
N SER B 132 -20.63 -11.66 -8.40
CA SER B 132 -19.81 -10.50 -8.06
C SER B 132 -18.35 -10.77 -8.42
N THR B 133 -17.54 -9.71 -8.36
CA THR B 133 -16.11 -9.86 -8.60
C THR B 133 -15.49 -10.69 -7.49
N TRP B 134 -14.62 -11.63 -7.86
CA TRP B 134 -13.93 -12.43 -6.85
C TRP B 134 -13.24 -11.59 -5.79
N GLY B 135 -13.71 -11.82 -4.55
CA GLY B 135 -13.20 -11.10 -3.40
C GLY B 135 -11.74 -11.45 -3.10
N LEU B 136 -11.22 -10.82 -2.05
CA LEU B 136 -9.84 -11.05 -1.67
C LEU B 136 -9.65 -12.46 -1.10
N CYS B 137 -8.39 -12.84 -0.91
CA CYS B 137 -8.07 -14.10 -0.23
C CYS B 137 -8.08 -13.84 1.28
N MET B 138 -8.98 -14.53 1.98
CA MET B 138 -9.09 -14.38 3.42
C MET B 138 -9.14 -15.75 4.10
N PRO B 139 -8.48 -15.89 5.25
CA PRO B 139 -7.70 -14.81 5.87
C PRO B 139 -6.27 -14.71 5.34
N PRO B 140 -5.82 -13.50 5.00
CA PRO B 140 -4.41 -13.34 4.62
C PRO B 140 -3.51 -13.65 5.80
N CYS B 141 -2.41 -14.33 5.52
CA CYS B 141 -1.49 -14.87 6.53
C CYS B 141 -2.19 -15.83 7.49
N GLY B 142 -3.28 -16.47 7.04
CA GLY B 142 -3.99 -17.41 7.88
C GLY B 142 -4.05 -18.76 7.22
N PRO B 143 -4.49 -19.78 7.98
CA PRO B 143 -4.53 -21.14 7.43
C PRO B 143 -5.52 -21.29 6.28
N ASN B 144 -4.99 -21.54 5.08
CA ASN B 144 -5.77 -21.79 3.86
C ASN B 144 -6.70 -20.62 3.55
N PRO B 145 -6.19 -19.55 2.93
CA PRO B 145 -7.09 -18.48 2.47
C PRO B 145 -7.99 -18.95 1.34
N THR B 146 -9.20 -18.41 1.30
CA THR B 146 -10.20 -18.81 0.33
C THR B 146 -10.88 -17.57 -0.26
N ARG B 147 -10.86 -17.46 -1.58
CA ARG B 147 -11.66 -16.43 -2.26
C ARG B 147 -13.14 -16.79 -2.18
N ALA B 148 -13.98 -15.80 -2.49
CA ALA B 148 -15.42 -16.02 -2.52
C ALA B 148 -16.16 -14.95 -3.30
N ARG B 149 -16.99 -15.35 -4.25
CA ARG B 149 -17.94 -14.47 -4.91
C ARG B 149 -19.34 -14.97 -4.62
N GLN B 150 -20.33 -14.11 -4.86
CA GLN B 150 -21.68 -14.41 -4.39
C GLN B 150 -22.72 -13.70 -5.25
N ARG B 151 -23.78 -14.43 -5.58
CA ARG B 151 -25.02 -13.87 -6.09
C ARG B 151 -25.98 -13.68 -4.94
N LEU B 152 -26.80 -12.62 -5.02
CA LEU B 152 -27.72 -12.30 -3.93
C LEU B 152 -29.04 -11.79 -4.50
N CYS B 153 -30.03 -11.73 -3.62
CA CYS B 153 -31.39 -11.33 -3.96
C CYS B 153 -31.49 -9.81 -3.95
N THR B 154 -31.46 -9.21 -5.14
CA THR B 154 -31.48 -7.74 -5.24
C THR B 154 -32.91 -7.23 -5.16
N PRO B 155 -33.25 -6.43 -4.16
CA PRO B 155 -34.62 -5.92 -4.06
C PRO B 155 -34.94 -4.92 -5.16
N LEU B 156 -36.19 -4.92 -5.59
CA LEU B 156 -36.71 -3.99 -6.59
C LEU B 156 -37.38 -2.83 -5.85
N LEU B 157 -36.74 -1.67 -5.86
CA LEU B 157 -37.25 -0.52 -5.13
C LEU B 157 -38.56 -0.05 -5.74
N PRO B 158 -39.53 0.33 -4.91
CA PRO B 158 -40.82 0.81 -5.45
C PRO B 158 -40.65 2.16 -6.13
N LYS B 159 -41.37 2.32 -7.25
CA LYS B 159 -41.28 3.53 -8.06
C LYS B 159 -41.96 4.68 -7.31
N TYR B 160 -41.19 5.32 -6.42
CA TYR B 160 -41.60 6.48 -5.67
C TYR B 160 -40.94 7.73 -6.25
N PRO B 161 -41.51 8.92 -5.98
CA PRO B 161 -40.92 10.15 -6.51
C PRO B 161 -39.53 10.39 -5.94
N PRO B 162 -38.51 10.44 -6.78
CA PRO B 162 -37.15 10.77 -6.31
C PRO B 162 -36.92 12.25 -6.10
N THR B 163 -37.91 13.10 -6.36
CA THR B 163 -37.78 14.55 -6.28
C THR B 163 -39.07 15.11 -5.71
N VAL B 164 -39.01 15.63 -4.49
CA VAL B 164 -40.18 16.07 -3.74
C VAL B 164 -39.92 17.48 -3.19
N SER B 165 -40.96 18.31 -3.28
CA SER B 165 -40.90 19.69 -2.75
C SER B 165 -41.25 19.64 -1.26
N MET B 166 -40.39 20.18 -0.40
CA MET B 166 -40.64 20.16 1.07
C MET B 166 -41.41 21.43 1.43
N VAL B 167 -42.62 21.29 1.97
CA VAL B 167 -43.45 22.47 2.31
C VAL B 167 -42.76 23.29 3.41
N GLU B 168 -42.23 22.63 4.43
CA GLU B 168 -41.57 23.34 5.57
C GLU B 168 -40.33 24.10 5.11
N GLY B 169 -39.48 23.47 4.28
CA GLY B 169 -38.23 24.11 3.82
C GLY B 169 -38.35 24.87 2.51
N GLN B 170 -39.50 24.76 1.82
CA GLN B 170 -39.72 25.43 0.52
C GLN B 170 -38.61 25.05 -0.48
N GLY B 171 -38.24 23.77 -0.53
CA GLY B 171 -37.18 23.31 -1.45
C GLY B 171 -37.55 22.00 -2.12
N GLU B 172 -36.96 21.75 -3.30
CA GLU B 172 -37.18 20.58 -4.14
C GLU B 172 -36.01 19.62 -3.95
N LYS B 173 -36.02 18.90 -2.84
CA LYS B 173 -34.87 18.13 -2.38
C LYS B 173 -34.98 16.67 -2.81
N ASN B 174 -33.82 16.06 -3.04
CA ASN B 174 -33.76 14.66 -3.46
C ASN B 174 -34.05 13.74 -2.29
N VAL B 175 -34.58 12.55 -2.60
CA VAL B 175 -34.91 11.53 -1.61
C VAL B 175 -34.27 10.22 -2.03
N THR B 176 -33.53 9.60 -1.12
CA THR B 176 -32.87 8.32 -1.36
C THR B 176 -33.36 7.30 -0.32
N PHE B 177 -33.22 6.02 -0.67
CA PHE B 177 -33.73 4.94 0.16
C PHE B 177 -32.68 4.51 1.18
N TRP B 178 -33.16 4.10 2.36
CA TRP B 178 -32.31 3.64 3.45
C TRP B 178 -33.01 2.52 4.20
N GLY B 179 -32.27 1.48 4.54
CA GLY B 179 -32.78 0.37 5.34
C GLY B 179 -32.37 -0.97 4.76
N ARG B 180 -32.64 -2.01 5.57
CA ARG B 180 -32.37 -3.39 5.18
C ARG B 180 -33.68 -4.10 4.87
N PRO B 181 -34.08 -4.22 3.61
CA PRO B 181 -35.35 -4.90 3.29
C PRO B 181 -35.19 -6.42 3.26
N LEU B 182 -36.35 -7.09 3.33
CA LEU B 182 -36.41 -8.54 3.25
C LEU B 182 -36.87 -8.95 1.85
N PRO B 183 -35.97 -9.25 0.93
CA PRO B 183 -36.38 -9.50 -0.45
C PRO B 183 -36.91 -10.92 -0.64
N ARG B 184 -37.78 -11.05 -1.64
CA ARG B 184 -38.38 -12.33 -2.00
C ARG B 184 -37.94 -12.71 -3.41
N CYS B 185 -37.52 -13.96 -3.59
CA CYS B 185 -36.99 -14.44 -4.86
C CYS B 185 -37.09 -15.95 -4.89
N GLU B 186 -37.19 -16.50 -6.10
CA GLU B 186 -37.21 -17.95 -6.25
C GLU B 186 -35.88 -18.53 -5.81
N GLU B 187 -35.94 -19.68 -5.13
CA GLU B 187 -34.74 -20.30 -4.60
C GLU B 187 -33.75 -20.66 -5.71
N LEU B 188 -32.47 -20.34 -5.46
CA LEU B 188 -31.38 -20.69 -6.35
C LEU B 188 -30.35 -21.47 -5.55
N GLN B 189 -30.19 -22.75 -5.89
CA GLN B 189 -29.26 -23.65 -5.19
C GLN B 189 -29.58 -23.73 -3.69
N GLY B 190 -30.87 -23.73 -3.36
CA GLY B 190 -31.29 -23.95 -1.99
C GLY B 190 -31.05 -22.80 -1.04
N GLN B 191 -30.99 -21.57 -1.56
CA GLN B 191 -30.79 -20.39 -0.73
C GLN B 191 -31.78 -19.32 -1.14
N LYS B 192 -32.39 -18.68 -0.14
CA LYS B 192 -33.40 -17.66 -0.37
C LYS B 192 -32.86 -16.24 -0.32
N LEU B 193 -31.59 -16.04 0.05
CA LEU B 193 -31.04 -14.70 0.18
C LEU B 193 -29.73 -14.55 -0.56
N VAL B 194 -28.72 -15.34 -0.23
CA VAL B 194 -27.39 -15.19 -0.83
C VAL B 194 -26.70 -16.54 -0.96
N VAL B 195 -26.39 -16.93 -2.20
CA VAL B 195 -25.67 -18.16 -2.49
C VAL B 195 -24.27 -17.79 -2.97
N GLU B 196 -23.25 -18.35 -2.34
CA GLU B 196 -21.86 -18.06 -2.65
C GLU B 196 -21.10 -19.34 -2.90
N GLU B 197 -19.90 -19.19 -3.46
CA GLU B 197 -18.99 -20.30 -3.70
C GLU B 197 -17.58 -19.86 -3.35
N LYS B 198 -16.83 -20.74 -2.71
CA LYS B 198 -15.48 -20.46 -2.26
C LYS B 198 -14.48 -21.28 -3.05
N ARG B 199 -13.32 -20.68 -3.35
CA ARG B 199 -12.22 -21.36 -4.01
C ARG B 199 -10.93 -21.04 -3.27
N PRO B 200 -10.13 -22.04 -2.91
CA PRO B 200 -8.87 -21.76 -2.21
C PRO B 200 -7.89 -21.00 -3.10
N CYS B 201 -7.11 -20.14 -2.47
CA CYS B 201 -6.09 -19.37 -3.16
C CYS B 201 -4.80 -20.17 -3.27
N LEU B 202 -4.13 -20.00 -4.41
CA LEU B 202 -3.04 -20.88 -4.80
C LEU B 202 -1.70 -20.21 -4.58
N HIS B 203 -0.72 -21.00 -4.13
CA HIS B 203 0.65 -20.54 -3.90
C HIS B 203 0.68 -19.32 -2.98
N VAL B 204 0.22 -19.52 -1.75
CA VAL B 204 0.15 -18.43 -0.78
C VAL B 204 1.56 -18.05 -0.36
N PRO B 205 1.95 -16.78 -0.45
CA PRO B 205 3.26 -16.36 0.03
C PRO B 205 3.23 -15.99 1.51
N ALA B 206 4.32 -16.31 2.19
CA ALA B 206 4.42 -16.03 3.61
C ALA B 206 4.41 -14.53 3.87
N CYS B 207 3.90 -14.16 5.05
CA CYS B 207 3.80 -12.76 5.46
C CYS B 207 4.97 -12.43 6.38
N LYS B 208 5.92 -11.65 5.87
CA LYS B 208 7.08 -11.21 6.64
C LYS B 208 7.18 -9.69 6.54
N ASP B 209 8.09 -9.12 7.33
CA ASP B 209 8.25 -7.67 7.35
C ASP B 209 8.66 -7.17 5.97
N PRO B 210 8.15 -6.01 5.53
CA PRO B 210 8.53 -5.51 4.19
C PRO B 210 10.04 -5.33 4.03
N GLU B 211 10.73 -4.92 5.08
CA GLU B 211 12.19 -4.87 5.03
C GLU B 211 12.80 -6.26 5.07
N GLU B 212 12.33 -7.10 6.00
CA GLU B 212 12.88 -8.45 6.14
C GLU B 212 12.66 -9.27 4.87
N GLU B 213 11.49 -9.15 4.26
CA GLU B 213 11.24 -9.85 3.00
C GLU B 213 12.16 -9.35 1.90
N GLU B 214 12.40 -8.04 1.86
CA GLU B 214 13.34 -7.47 0.89
C GLU B 214 14.74 -8.03 1.08
N LEU B 215 15.20 -8.11 2.33
CA LEU B 215 16.54 -8.63 2.60
C LEU B 215 16.62 -10.14 2.37
N GLU B 216 15.49 -10.84 2.50
CA GLU B 216 15.50 -12.29 2.34
C GLU B 216 15.65 -12.69 0.87
N ASN B 217 14.88 -12.06 -0.01
CA ASN B 217 14.99 -12.38 -1.44
C ASN B 217 16.34 -11.97 -2.00
N LEU B 218 16.87 -10.83 -1.53
CA LEU B 218 18.17 -10.36 -1.99
C LEU B 218 19.28 -11.34 -1.61
N TYR B 219 19.21 -11.91 -0.40
CA TYR B 219 20.21 -12.84 0.07
C TYR B 219 20.01 -14.24 -0.49
N PHE B 220 18.79 -14.59 -0.89
CA PHE B 220 18.42 -15.95 -1.29
C PHE B 220 18.68 -16.93 -0.16
C1 FUC C . 34.97 -34.11 -54.01
C2 FUC C . 35.37 -32.61 -54.23
C3 FUC C . 36.89 -32.34 -53.94
C4 FUC C . 37.85 -33.42 -54.51
C5 FUC C . 37.35 -34.85 -54.18
C6 FUC C . 38.11 -35.95 -54.89
O2 FUC C . 34.56 -31.69 -53.48
O3 FUC C . 37.28 -31.10 -54.56
O4 FUC C . 37.98 -33.25 -55.88
O5 FUC C . 35.94 -35.04 -54.53
C2 BGC C . 39.13 -29.50 -54.65
C3 BGC C . 40.09 -28.68 -53.84
C4 BGC C . 39.59 -28.16 -52.51
C5 BGC C . 38.86 -29.22 -51.69
C6 BGC C . 38.09 -28.55 -50.59
C1 BGC C . 38.37 -30.53 -53.80
O2 BGC C . 39.87 -30.19 -55.69
O3 BGC C . 40.53 -27.57 -54.66
O4 BGC C . 40.72 -27.69 -51.77
O5 BGC C . 37.88 -29.98 -52.50
O6 BGC C . 36.81 -29.11 -50.50
C1 FUC D . 7.62 -18.02 -14.53
C2 FUC D . 8.35 -19.32 -14.09
C3 FUC D . 7.75 -20.57 -14.77
C4 FUC D . 7.64 -20.42 -16.32
C5 FUC D . 6.94 -19.08 -16.71
C6 FUC D . 7.11 -18.71 -18.16
O2 FUC D . 8.38 -19.47 -12.68
O3 FUC D . 8.58 -21.72 -14.48
O4 FUC D . 8.92 -20.49 -16.92
O5 FUC D . 7.44 -17.91 -15.94
C2 BGC D . 6.63 -22.99 -13.39
C3 BGC D . 6.05 -24.36 -13.23
C4 BGC D . 6.06 -25.28 -14.42
C5 BGC D . 7.42 -25.27 -15.14
C6 BGC D . 7.31 -25.97 -16.46
C1 BGC D . 7.97 -23.00 -14.15
O2 BGC D . 6.82 -22.42 -12.07
O3 BGC D . 4.66 -24.23 -12.78
O4 BGC D . 5.78 -26.61 -13.99
O5 BGC D . 7.89 -23.88 -15.37
O6 BGC D . 8.46 -26.74 -16.68
C1 FUC E . 5.34 30.51 17.00
C2 FUC E . 4.95 29.92 15.62
C3 FUC E . 4.40 28.48 15.80
C4 FUC E . 3.24 28.41 16.84
C5 FUC E . 3.73 28.99 18.18
C6 FUC E . 2.62 29.17 19.21
O2 FUC E . 6.05 29.96 14.71
O3 FUC E . 3.93 27.95 14.56
O4 FUC E . 2.13 29.14 16.40
O5 FUC E . 4.35 30.32 18.02
C2 BGC E . 4.11 25.92 13.19
C3 BGC E . 5.03 24.83 12.72
C4 BGC E . 6.44 25.23 12.30
C5 BGC E . 7.08 26.27 13.24
C6 BGC E . 8.25 26.88 12.52
C1 BGC E . 4.80 26.87 14.17
O2 BGC E . 2.97 25.33 13.84
O3 BGC E . 4.39 24.17 11.59
O4 BGC E . 7.24 24.05 12.33
O5 BGC E . 6.14 27.35 13.63
O6 BGC E . 8.76 27.95 13.29
C1 NAG F . -30.25 14.03 -6.44
C2 NAG F . -29.80 13.54 -7.83
C3 NAG F . -28.41 14.10 -8.18
C4 NAG F . -28.33 15.62 -8.01
C5 NAG F . -28.76 15.97 -6.56
C6 NAG F . -28.76 17.44 -6.21
C7 NAG F . -30.74 11.39 -8.55
C8 NAG F . -30.60 9.90 -8.51
N2 NAG F . -29.82 12.08 -7.88
O3 NAG F . -28.08 13.66 -9.49
O4 NAG F . -27.05 16.17 -8.31
O5 NAG F . -30.09 15.47 -6.38
O6 NAG F . -29.84 17.89 -5.38
O7 NAG F . -31.65 11.93 -9.17
C1 NAG F . -26.98 16.76 -9.64
C2 NAG F . -25.86 17.86 -9.78
C3 NAG F . -25.65 18.27 -11.25
C4 NAG F . -25.48 17.07 -12.17
C5 NAG F . -26.66 16.11 -12.03
C6 NAG F . -26.51 14.85 -12.85
C7 NAG F . -27.04 19.93 -8.87
C8 NAG F . -26.90 21.01 -7.83
N2 NAG F . -26.04 19.03 -8.90
O3 NAG F . -24.52 19.13 -11.37
O4 NAG F . -25.39 17.50 -13.52
O5 NAG F . -26.78 15.70 -10.66
O6 NAG F . -26.19 13.73 -12.03
O7 NAG F . -28.01 19.90 -9.63
C1 FUC F . -29.86 17.63 -3.93
C2 FUC F . -30.25 18.84 -3.00
C3 FUC F . -30.77 18.25 -1.63
C4 FUC F . -29.81 17.16 -0.99
C5 FUC F . -29.28 16.14 -2.07
C6 FUC F . -28.13 15.27 -1.58
O2 FUC F . -31.21 19.70 -3.58
O3 FUC F . -31.00 19.29 -0.66
O4 FUC F . -28.73 17.78 -0.31
O5 FUC F . -28.84 16.82 -3.32
C1 MAN G . -5.55 1.27 0.44
C2 MAN G . -5.45 2.51 1.32
C3 MAN G . -6.21 3.69 0.71
C4 MAN G . -7.68 3.33 0.37
C5 MAN G . -7.77 2.03 -0.47
C6 MAN G . -7.48 2.19 -1.95
O2 MAN G . -4.15 2.94 1.35
O3 MAN G . -5.51 4.29 -0.39
O4 MAN G . -8.39 3.14 1.58
O5 MAN G . -6.89 0.96 0.04
O6 MAN G . -7.47 0.90 -2.51
C1 MAN H . -1.75 -3.77 -8.00
C2 MAN H . -0.90 -2.52 -7.62
C3 MAN H . -0.95 -1.36 -8.65
C4 MAN H . -2.38 -1.08 -9.18
C5 MAN H . -3.09 -2.40 -9.65
C6 MAN H . -2.60 -2.97 -10.98
O2 MAN H . 0.49 -2.83 -7.48
O3 MAN H . 0.02 -1.48 -9.70
O4 MAN H . -3.14 -0.46 -8.16
O5 MAN H . -3.00 -3.46 -8.61
O6 MAN H . -3.12 -4.28 -11.12
C1 MAN I . 14.68 -35.92 -26.46
C2 MAN I . 13.78 -35.48 -25.28
C3 MAN I . 13.78 -36.51 -24.11
C4 MAN I . 15.21 -36.97 -23.71
C5 MAN I . 16.07 -37.38 -24.95
C6 MAN I . 15.75 -38.76 -25.52
O2 MAN I . 12.42 -35.38 -25.67
O3 MAN I . 12.89 -37.62 -24.34
O4 MAN I . 15.84 -35.92 -23.02
O5 MAN I . 15.98 -36.40 -26.06
O6 MAN I . 16.62 -39.00 -26.61
C1 MAN J . 17.79 -41.55 -32.44
C2 MAN J . 16.66 -41.45 -31.40
C3 MAN J . 16.54 -42.71 -30.52
C4 MAN J . 17.91 -43.20 -29.96
C5 MAN J . 19.03 -43.24 -31.06
C6 MAN J . 18.96 -44.43 -32.00
O2 MAN J . 15.37 -41.23 -32.00
O3 MAN J . 15.84 -43.78 -31.16
O4 MAN J . 18.32 -42.32 -28.92
O5 MAN J . 19.03 -42.02 -31.89
O6 MAN J . 20.03 -44.31 -32.94
C1 MAN K . 22.88 -43.27 -40.01
C2 MAN K . 21.43 -43.44 -39.59
C3 MAN K . 20.88 -44.78 -40.09
C4 MAN K . 21.74 -45.98 -39.61
C5 MAN K . 23.27 -45.76 -39.92
C6 MAN K . 23.71 -46.08 -41.33
O2 MAN K . 20.67 -42.51 -40.22
O3 MAN K . 20.69 -44.79 -41.51
O4 MAN K . 21.58 -46.08 -38.21
O5 MAN K . 23.72 -44.38 -39.66
O6 MAN K . 25.08 -45.70 -41.44
C1 MAN L . -17.79 11.01 4.61
C2 MAN L . -16.37 11.64 4.71
C3 MAN L . -15.41 11.06 3.64
C4 MAN L . -16.03 11.06 2.22
C5 MAN L . -17.47 10.47 2.20
C6 MAN L . -17.53 8.94 2.27
O2 MAN L . -15.74 11.38 5.96
O3 MAN L . -14.87 9.78 4.02
O4 MAN L . -16.05 12.38 1.74
O5 MAN L . -18.32 11.01 3.29
O6 MAN L . -18.89 8.57 2.37
C1 MAN M . -25.63 5.68 5.32
C2 MAN M . -24.09 5.57 5.50
C3 MAN M . -23.57 4.16 5.13
C4 MAN M . -24.11 3.63 3.77
C5 MAN M . -25.65 3.81 3.63
C6 MAN M . -26.47 2.77 4.40
O2 MAN M . -23.70 5.76 6.87
O3 MAN M . -23.73 3.20 6.19
O4 MAN M . -23.45 4.30 2.71
O5 MAN M . -26.10 5.15 4.07
O6 MAN M . -27.79 2.83 3.90
C1 MAN N . -33.70 -15.75 -9.10
C2 MAN N . -33.13 -16.88 -10.02
C3 MAN N . -33.83 -16.95 -11.38
C4 MAN N . -33.99 -15.56 -12.06
C5 MAN N . -34.60 -14.49 -11.07
C6 MAN N . -36.10 -14.62 -10.85
O2 MAN N . -33.31 -18.17 -9.45
O3 MAN N . -35.06 -17.70 -11.34
O4 MAN N . -32.71 -15.12 -12.52
O5 MAN N . -33.94 -14.50 -9.76
O6 MAN N . -36.45 -13.72 -9.82
C1 MAN O . -12.84 -13.70 -10.68
C2 MAN O . -14.09 -13.14 -11.42
C3 MAN O . -13.74 -12.38 -12.73
C4 MAN O . -12.76 -13.17 -13.63
C5 MAN O . -11.53 -13.74 -12.82
C6 MAN O . -10.45 -12.71 -12.51
O2 MAN O . -14.80 -12.18 -10.63
O3 MAN O . -13.29 -11.03 -12.51
O4 MAN O . -13.46 -14.24 -14.22
O5 MAN O . -11.94 -14.38 -11.55
O6 MAN O . -9.46 -13.36 -11.73
C1 MAN P . -21.30 -15.93 -13.26
C2 MAN P . -22.63 -15.44 -13.85
C3 MAN P . -22.43 -15.01 -15.31
C4 MAN P . -21.77 -16.13 -16.18
C5 MAN P . -20.48 -16.69 -15.51
C6 MAN P . -19.21 -15.86 -15.67
O2 MAN P . -23.04 -14.27 -13.21
O3 MAN P . -21.74 -13.76 -15.43
O4 MAN P . -22.71 -17.18 -16.33
O5 MAN P . -20.65 -16.92 -14.05
O6 MAN P . -18.22 -16.41 -14.81
C1 MAN Q . 40.82 27.31 16.74
C2 MAN Q . 42.22 26.69 16.53
C3 MAN Q . 42.73 26.01 17.82
C4 MAN Q . 41.70 25.02 18.44
C5 MAN Q . 40.27 25.66 18.58
C6 MAN Q . 40.09 26.55 19.81
O2 MAN Q . 43.20 27.70 16.21
O3 MAN Q . 43.20 26.95 18.79
O4 MAN Q . 41.64 23.87 17.62
O5 MAN Q . 39.89 26.46 17.40
O6 MAN Q . 38.73 26.99 19.85
C1 MAN R . 34.46 30.45 21.18
C2 MAN R . 35.99 30.64 21.27
C3 MAN R . 36.40 30.90 22.74
C4 MAN R . 35.87 29.82 23.73
C5 MAN R . 34.34 29.55 23.56
C6 MAN R . 33.43 30.52 24.30
O2 MAN R . 36.42 31.80 20.54
O3 MAN R . 36.05 32.22 23.19
O4 MAN R . 36.58 28.61 23.49
O5 MAN R . 33.89 29.57 22.15
O6 MAN R . 32.11 29.99 24.29
#